data_8UW9
#
_entry.id   8UW9
#
_cell.length_a   76.215
_cell.length_b   87.209
_cell.length_c   198.096
_cell.angle_alpha   90.000
_cell.angle_beta   90.000
_cell.angle_gamma   90.000
#
_symmetry.space_group_name_H-M   'C 2 2 21'
#
loop_
_entity.id
_entity.type
_entity.pdbx_description
1 polymer 'RAC-alpha serine/threonine-protein kinase'
2 polymer NB41
3 non-polymer N-({4-[(2P)-2-(2-aminopyridin-3-yl)-5-phenyl-3H-imidazo[4,5-b]pyridin-3-yl]phenyl}methyl)-2-(2-fluoro-4-formyl-3-hydroxyphenyl)acetamide
4 non-polymer 1,2-ETHANEDIOL
5 non-polymer 'SULFATE ION'
6 non-polymer 'ZINC ION'
7 non-polymer 'CHLORIDE ION'
8 water water
#
loop_
_entity_poly.entity_id
_entity_poly.type
_entity_poly.pdbx_seq_one_letter_code
_entity_poly.pdbx_strand_id
1 'polypeptide(L)'
;SDVAIVKEGWLHKRGKYIKTWRPRYFLLKNDGTFIGYKERPQDVDQREAPLNNFSVAQCQLMKTERPRPNTFIIRCLQWT
TVIERTFHVETPEEREEWTTAIQTVADGLKKQEEEEMDASAEHTDMEVSLAKPKHRVTMNEFEYLKLLGKGTFGKVILVK
EKATGRYYAMKILKKEVIVAKDEVAHTLTENRVLQNSRHPFLTALKYSFQTHDRLCFVMEYANGGELFFHLSRERVFSED
RARFYGAEIVSALDYLHSEKNVVYRDLKLENLMLDKDGHIKITDFGLCKEGIKDGATMKTFCGTPEYLAPEVLEDNDYGR
AVDWWGLGVVMYEMMCGRLPFYNQDHEKLFELILMEEIRFPRTLGPEAKSLLSGLLKKDPKQRLGGGSEDAKEIMQHRFF
AGIVWQHVYEKKLSPPFKPQVTSETDTRYFDEEFTAQM
;
A
2 'polypeptide(L)'
;QVQLQESGGGLVQAGGSLRLSCAASGIDVRIKTMAWYRQAPGKQRELLASVLVSGSTNYADPVKGRFTISRDNAKNTVYL
QMNKLIPDDTAVYYCNTYGRLRRDVWGPGTQVTVSSHHHHHHEPEA
;
B
#
# COMPACT_ATOMS: atom_id res chain seq x y z
N ASP A 2 -16.32 12.10 -14.16
CA ASP A 2 -17.21 12.24 -13.02
C ASP A 2 -17.24 10.96 -12.18
N VAL A 3 -17.42 11.12 -10.87
CA VAL A 3 -17.53 10.02 -9.93
C VAL A 3 -18.86 10.17 -9.20
N ALA A 4 -19.71 9.15 -9.28
CA ALA A 4 -21.08 9.28 -8.80
C ALA A 4 -21.27 8.60 -7.45
N ILE A 5 -22.25 9.09 -6.70
CA ILE A 5 -22.54 8.54 -5.38
C ILE A 5 -23.41 7.29 -5.56
N VAL A 6 -23.00 6.20 -4.94
CA VAL A 6 -23.74 4.95 -5.07
C VAL A 6 -24.74 4.79 -3.95
N LYS A 7 -24.34 5.16 -2.73
CA LYS A 7 -25.18 5.05 -1.56
C LYS A 7 -24.67 6.06 -0.55
N GLU A 8 -25.59 6.64 0.22
CA GLU A 8 -25.18 7.62 1.22
C GLU A 8 -26.18 7.58 2.36
N GLY A 9 -25.72 7.97 3.54
CA GLY A 9 -26.56 7.92 4.72
C GLY A 9 -25.75 8.00 5.98
N TRP A 10 -26.47 8.02 7.09
CA TRP A 10 -25.87 8.12 8.42
C TRP A 10 -25.46 6.74 8.91
N LEU A 11 -24.29 6.67 9.55
CA LEU A 11 -23.81 5.47 10.20
C LEU A 11 -23.14 5.91 11.49
N HIS A 12 -23.12 5.04 12.48
CA HIS A 12 -22.28 5.28 13.64
C HIS A 12 -20.88 4.76 13.34
N LYS A 13 -19.88 5.63 13.43
CA LYS A 13 -18.48 5.26 13.21
C LYS A 13 -17.83 4.98 14.56
N ARG A 14 -17.19 3.82 14.68
CA ARG A 14 -16.42 3.52 15.88
C ARG A 14 -15.20 4.45 15.97
N GLY A 15 -15.03 5.08 17.13
CA GLY A 15 -13.92 5.99 17.33
C GLY A 15 -12.70 5.27 17.89
N LYS A 16 -11.51 5.72 17.49
CA LYS A 16 -10.32 5.10 18.04
C LYS A 16 -9.78 5.79 19.28
N TYR A 17 -9.98 7.09 19.43
CA TYR A 17 -9.29 7.80 20.49
C TYR A 17 -10.21 8.37 21.56
N ILE A 18 -11.38 8.87 21.18
CA ILE A 18 -12.29 9.49 22.14
C ILE A 18 -13.66 8.81 22.07
N LYS A 19 -14.68 9.57 21.69
CA LYS A 19 -16.12 9.28 21.83
C LYS A 19 -16.58 7.84 21.57
N THR A 20 -15.77 7.03 20.89
CA THR A 20 -16.10 5.61 20.67
C THR A 20 -17.12 5.36 19.55
N TRP A 21 -18.31 5.95 19.63
CA TRP A 21 -19.30 5.87 18.55
C TRP A 21 -19.80 7.27 18.23
N ARG A 22 -19.58 7.71 17.00
CA ARG A 22 -20.02 9.02 16.56
C ARG A 22 -20.84 8.88 15.29
N PRO A 23 -21.93 9.64 15.17
CA PRO A 23 -22.70 9.63 13.93
C PRO A 23 -22.00 10.44 12.86
N ARG A 24 -21.91 9.85 11.67
CA ARG A 24 -21.30 10.52 10.54
C ARG A 24 -22.11 10.23 9.29
N TYR A 25 -22.08 11.16 8.36
CA TYR A 25 -22.77 11.02 7.10
C TYR A 25 -21.78 10.49 6.07
N PHE A 26 -22.03 9.29 5.57
CA PHE A 26 -21.09 8.59 4.71
C PHE A 26 -21.54 8.59 3.26
N LEU A 27 -20.58 8.79 2.36
CA LEU A 27 -20.78 8.68 0.92
C LEU A 27 -19.99 7.48 0.43
N LEU A 28 -20.66 6.57 -0.28
CA LEU A 28 -20.00 5.49 -1.00
C LEU A 28 -20.08 5.82 -2.48
N LYS A 29 -18.93 5.98 -3.12
CA LYS A 29 -18.85 6.43 -4.51
C LYS A 29 -18.34 5.30 -5.41
N ASN A 30 -18.53 5.47 -6.72
CA ASN A 30 -18.22 4.34 -7.60
C ASN A 30 -16.73 4.21 -7.87
N ASP A 31 -15.92 5.21 -7.51
CA ASP A 31 -14.46 5.05 -7.55
C ASP A 31 -13.93 4.26 -6.36
N GLY A 32 -14.80 3.79 -5.46
CA GLY A 32 -14.36 3.02 -4.33
C GLY A 32 -14.23 3.79 -3.02
N THR A 33 -14.27 5.12 -3.07
CA THR A 33 -14.13 5.89 -1.83
C THR A 33 -15.37 5.71 -0.95
N PHE A 34 -15.13 5.51 0.35
CA PHE A 34 -16.18 5.44 1.38
C PHE A 34 -15.74 6.44 2.45
N ILE A 35 -16.37 7.61 2.51
CA ILE A 35 -15.87 8.73 3.31
C ILE A 35 -16.97 9.27 4.20
N GLY A 36 -16.65 9.50 5.47
CA GLY A 36 -17.60 10.03 6.44
C GLY A 36 -17.39 11.51 6.75
N TYR A 37 -18.50 12.20 7.03
CA TYR A 37 -18.45 13.63 7.30
C TYR A 37 -19.24 13.95 8.55
N LYS A 38 -18.86 15.05 9.20
CA LYS A 38 -19.54 15.43 10.41
C LYS A 38 -21.00 15.85 10.12
N GLU A 39 -21.27 16.38 8.93
CA GLU A 39 -22.63 16.61 8.47
C GLU A 39 -22.72 16.36 6.99
N ARG A 40 -23.97 16.15 6.49
CA ARG A 40 -24.22 16.07 5.06
C ARG A 40 -23.41 17.14 4.34
N PRO A 41 -22.40 16.76 3.58
CA PRO A 41 -21.66 17.74 2.80
C PRO A 41 -22.54 18.35 1.72
N GLN A 42 -22.15 19.54 1.28
CA GLN A 42 -22.95 20.30 0.32
C GLN A 42 -22.43 20.14 -1.11
N ASP A 43 -21.13 20.23 -1.31
CA ASP A 43 -20.52 20.12 -2.64
C ASP A 43 -21.04 18.90 -3.37
N GLU A 48 -10.75 18.64 -3.39
CA GLU A 48 -9.56 17.84 -3.15
C GLU A 48 -9.68 16.48 -3.85
N ALA A 49 -8.51 15.90 -4.25
CA ALA A 49 -8.51 14.61 -4.94
C ALA A 49 -8.66 13.47 -3.94
N PRO A 50 -9.43 12.44 -4.28
CA PRO A 50 -9.66 11.33 -3.34
C PRO A 50 -8.35 10.76 -2.83
N LEU A 51 -8.38 10.30 -1.60
CA LEU A 51 -7.24 9.59 -1.04
C LEU A 51 -7.52 8.09 -1.07
N ASN A 52 -6.52 7.31 -1.48
CA ASN A 52 -6.70 5.88 -1.49
C ASN A 52 -6.90 5.31 -0.10
N ASN A 53 -6.58 6.07 0.96
CA ASN A 53 -6.84 5.57 2.31
C ASN A 53 -8.32 5.27 2.54
N PHE A 54 -9.22 5.92 1.80
CA PHE A 54 -10.65 5.74 1.99
C PHE A 54 -11.24 4.68 1.08
N SER A 55 -10.44 4.06 0.23
CA SER A 55 -10.95 3.13 -0.77
C SER A 55 -11.45 1.85 -0.11
N VAL A 56 -12.55 1.32 -0.63
CA VAL A 56 -13.04 0.01 -0.24
C VAL A 56 -12.61 -1.08 -1.20
N ALA A 57 -11.89 -0.73 -2.28
CA ALA A 57 -11.42 -1.74 -3.22
C ALA A 57 -10.70 -2.85 -2.47
N GLN A 58 -10.95 -4.09 -2.92
CA GLN A 58 -10.34 -5.29 -2.34
C GLN A 58 -10.58 -5.42 -0.84
N CYS A 59 -11.69 -4.90 -0.37
CA CYS A 59 -12.05 -5.10 1.04
C CYS A 59 -12.63 -6.48 1.25
N GLN A 60 -12.60 -6.93 2.51
CA GLN A 60 -13.51 -7.97 2.96
C GLN A 60 -14.42 -7.42 4.05
N LEU A 61 -15.66 -7.87 4.03
CA LEU A 61 -16.76 -7.31 4.81
C LEU A 61 -17.25 -8.35 5.79
N MET A 62 -17.27 -8.01 7.07
CA MET A 62 -17.74 -8.89 8.13
C MET A 62 -18.97 -8.29 8.77
N LYS A 63 -20.00 -9.10 8.98
CA LYS A 63 -21.08 -8.71 9.89
C LYS A 63 -20.75 -9.20 11.29
N THR A 64 -21.22 -8.46 12.28
CA THR A 64 -20.97 -8.86 13.66
C THR A 64 -21.99 -8.22 14.58
N GLU A 65 -22.13 -8.82 15.76
CA GLU A 65 -23.09 -8.39 16.76
C GLU A 65 -22.42 -7.91 18.04
N ARG A 66 -21.09 -7.94 18.10
CA ARG A 66 -20.30 -7.39 19.19
C ARG A 66 -19.42 -6.27 18.66
N PRO A 67 -19.20 -5.20 19.43
CA PRO A 67 -19.75 -4.92 20.77
C PRO A 67 -21.12 -4.27 20.66
N ARG A 68 -21.75 -4.37 19.50
CA ARG A 68 -22.96 -3.64 19.19
C ARG A 68 -23.72 -4.46 18.15
N PRO A 69 -25.01 -4.69 18.33
CA PRO A 69 -25.76 -5.37 17.29
C PRO A 69 -25.77 -4.57 16.00
N ASN A 70 -25.74 -5.27 14.87
CA ASN A 70 -25.83 -4.65 13.54
C ASN A 70 -24.56 -3.89 13.17
N THR A 71 -23.40 -4.37 13.60
CA THR A 71 -22.17 -3.73 13.16
C THR A 71 -21.60 -4.49 11.98
N PHE A 72 -20.85 -3.77 11.15
CA PHE A 72 -20.13 -4.40 10.07
C PHE A 72 -18.74 -3.79 10.02
N ILE A 73 -17.81 -4.57 9.49
CA ILE A 73 -16.40 -4.21 9.43
C ILE A 73 -15.97 -4.23 7.97
N ILE A 74 -15.20 -3.22 7.58
CA ILE A 74 -14.47 -3.21 6.32
C ILE A 74 -13.00 -3.41 6.68
N ARG A 75 -12.43 -4.50 6.22
CA ARG A 75 -11.02 -4.82 6.45
C ARG A 75 -10.30 -4.73 5.13
N CYS A 76 -9.18 -4.01 5.10
CA CYS A 76 -8.43 -3.81 3.88
C CYS A 76 -6.94 -3.90 4.18
N LEU A 77 -6.19 -4.40 3.21
CA LEU A 77 -4.73 -4.35 3.25
C LEU A 77 -4.33 -3.11 2.48
N GLN A 78 -3.66 -2.18 3.15
CA GLN A 78 -3.21 -0.94 2.53
C GLN A 78 -1.68 -0.99 2.51
N TRP A 79 -1.09 -1.30 1.36
CA TRP A 79 0.36 -1.45 1.26
C TRP A 79 0.77 -2.64 2.12
N THR A 80 1.40 -2.44 3.27
CA THR A 80 1.75 -3.58 4.11
C THR A 80 1.01 -3.60 5.44
N THR A 81 -0.08 -2.85 5.58
CA THR A 81 -0.75 -2.72 6.86
C THR A 81 -2.22 -3.10 6.71
N VAL A 82 -2.74 -3.94 7.61
CA VAL A 82 -4.15 -4.35 7.60
C VAL A 82 -4.95 -3.35 8.45
N ILE A 83 -5.94 -2.72 7.86
CA ILE A 83 -6.75 -1.78 8.62
C ILE A 83 -8.19 -2.26 8.64
N GLU A 84 -8.92 -1.87 9.68
CA GLU A 84 -10.29 -2.31 9.90
C GLU A 84 -11.10 -1.06 10.23
N ARG A 85 -12.22 -0.88 9.53
CA ARG A 85 -13.13 0.24 9.79
C ARG A 85 -14.46 -0.34 10.25
N THR A 86 -14.92 0.08 11.43
CA THR A 86 -16.09 -0.55 12.04
C THR A 86 -17.24 0.43 12.15
N PHE A 87 -18.44 -0.05 11.81
CA PHE A 87 -19.63 0.78 11.72
C PHE A 87 -20.84 0.02 12.27
N HIS A 88 -21.89 0.77 12.57
CA HIS A 88 -23.06 0.16 13.16
C HIS A 88 -24.27 0.93 12.66
N VAL A 89 -25.36 0.20 12.37
CA VAL A 89 -26.61 0.86 11.99
C VAL A 89 -27.72 0.36 12.91
N GLU A 90 -28.89 0.97 12.77
CA GLU A 90 -29.99 0.63 13.67
C GLU A 90 -30.56 -0.76 13.37
N THR A 91 -30.72 -1.10 12.09
CA THR A 91 -31.40 -2.38 11.83
C THR A 91 -30.51 -3.33 11.02
N PRO A 92 -30.66 -4.65 11.23
CA PRO A 92 -29.96 -5.61 10.37
C PRO A 92 -30.28 -5.43 8.90
N GLU A 93 -31.42 -4.81 8.59
CA GLU A 93 -31.79 -4.58 7.20
C GLU A 93 -30.94 -3.47 6.60
N GLU A 94 -30.80 -2.38 7.35
CA GLU A 94 -29.90 -1.29 6.97
C GLU A 94 -28.50 -1.80 6.67
N ARG A 95 -28.00 -2.67 7.54
CA ARG A 95 -26.65 -3.19 7.38
C ARG A 95 -26.51 -3.98 6.09
N GLU A 96 -27.55 -4.76 5.73
CA GLU A 96 -27.47 -5.55 4.51
C GLU A 96 -27.46 -4.66 3.28
N GLU A 97 -28.24 -3.57 3.31
CA GLU A 97 -28.16 -2.58 2.23
C GLU A 97 -26.74 -2.04 2.08
N TRP A 98 -26.11 -1.70 3.20
CA TRP A 98 -24.79 -1.08 3.14
C TRP A 98 -23.73 -2.08 2.67
N THR A 99 -23.63 -3.23 3.34
CA THR A 99 -22.64 -4.22 2.91
C THR A 99 -22.85 -4.60 1.46
N THR A 100 -24.10 -4.67 1.03
CA THR A 100 -24.37 -5.06 -0.34
C THR A 100 -23.85 -4.00 -1.30
N ALA A 101 -24.19 -2.74 -1.03
CA ALA A 101 -23.72 -1.66 -1.87
C ALA A 101 -22.20 -1.62 -1.92
N ILE A 102 -21.53 -1.80 -0.77
CA ILE A 102 -20.07 -1.74 -0.75
C ILE A 102 -19.49 -2.86 -1.59
N GLN A 103 -20.00 -4.08 -1.39
CA GLN A 103 -19.56 -5.23 -2.17
C GLN A 103 -19.75 -4.99 -3.66
N THR A 104 -20.92 -4.49 -4.04
CA THR A 104 -21.20 -4.26 -5.45
C THR A 104 -20.23 -3.25 -6.03
N VAL A 105 -19.88 -2.23 -5.27
CA VAL A 105 -18.93 -1.24 -5.77
C VAL A 105 -17.56 -1.86 -5.95
N ALA A 106 -17.10 -2.60 -4.92
CA ALA A 106 -15.78 -3.24 -4.99
C ALA A 106 -15.72 -4.29 -6.08
N ASP A 107 -16.79 -5.09 -6.24
CA ASP A 107 -16.85 -6.08 -7.30
C ASP A 107 -16.67 -5.43 -8.66
N GLY A 108 -17.43 -4.36 -8.92
CA GLY A 108 -17.31 -3.61 -10.16
C GLY A 108 -15.95 -2.99 -10.41
N LEU A 109 -15.14 -2.80 -9.35
CA LEU A 109 -13.80 -2.27 -9.50
C LEU A 109 -12.80 -3.36 -9.89
N LYS A 110 -12.87 -4.51 -9.22
CA LYS A 110 -12.10 -5.68 -9.63
C LYS A 110 -12.42 -6.06 -11.08
N LYS A 111 -13.69 -6.00 -11.45
CA LYS A 111 -14.10 -6.43 -12.79
C LYS A 111 -13.51 -5.53 -13.88
N GLN A 112 -13.76 -4.22 -13.78
CA GLN A 112 -13.25 -3.30 -14.81
C GLN A 112 -11.73 -3.31 -14.83
N GLU A 113 -11.08 -3.45 -13.68
CA GLU A 113 -9.63 -3.49 -13.65
C GLU A 113 -9.12 -4.74 -14.37
N GLU A 114 -9.60 -5.91 -13.93
CA GLU A 114 -9.10 -7.14 -14.52
C GLU A 114 -9.33 -7.13 -16.02
N GLU A 115 -10.51 -6.68 -16.46
CA GLU A 115 -10.77 -6.57 -17.89
C GLU A 115 -9.76 -5.67 -18.57
N GLU A 116 -9.38 -4.57 -17.92
CA GLU A 116 -8.43 -3.67 -18.56
C GLU A 116 -7.04 -4.30 -18.60
N MET A 117 -6.57 -4.87 -17.49
CA MET A 117 -5.26 -5.51 -17.55
C MET A 117 -5.27 -6.67 -18.52
N ASP A 118 -6.31 -7.50 -18.49
CA ASP A 118 -6.45 -8.59 -19.44
C ASP A 118 -6.25 -8.13 -20.88
N ALA A 119 -6.68 -6.89 -21.18
CA ALA A 119 -6.58 -6.34 -22.53
C ALA A 119 -5.22 -5.73 -22.82
N SER A 120 -4.51 -5.28 -21.80
CA SER A 120 -3.27 -4.54 -21.96
C SER A 120 -2.03 -5.38 -21.61
N ALA A 121 -2.19 -6.67 -21.39
CA ALA A 121 -1.04 -7.51 -21.05
C ALA A 121 -0.15 -7.68 -22.27
N GLU A 122 1.12 -7.34 -22.15
CA GLU A 122 2.03 -7.27 -23.30
C GLU A 122 3.15 -8.31 -23.13
N HIS A 123 2.80 -9.58 -23.30
CA HIS A 123 3.75 -10.68 -23.05
C HIS A 123 4.43 -10.49 -21.70
N THR A 124 3.68 -9.89 -20.76
CA THR A 124 3.86 -10.06 -19.33
C THR A 124 3.08 -11.26 -18.82
N ASP A 125 2.76 -12.20 -19.71
CA ASP A 125 2.01 -13.40 -19.38
C ASP A 125 2.95 -14.53 -18.93
N MET A 126 4.12 -14.17 -18.39
CA MET A 126 5.06 -15.13 -17.82
C MET A 126 4.54 -15.71 -16.51
N GLU A 127 5.00 -16.93 -16.20
CA GLU A 127 4.70 -17.52 -14.91
C GLU A 127 5.83 -17.23 -13.93
N ARG A 136 10.49 -15.14 -4.17
CA ARG A 136 11.78 -15.78 -4.45
C ARG A 136 12.36 -16.47 -3.20
N VAL A 137 11.59 -16.49 -2.10
CA VAL A 137 12.16 -16.71 -0.78
C VAL A 137 11.17 -17.44 0.14
N THR A 138 11.69 -17.97 1.27
CA THR A 138 10.91 -18.67 2.29
C THR A 138 11.36 -18.25 3.69
N MET A 139 10.59 -18.66 4.69
CA MET A 139 10.92 -18.34 6.09
C MET A 139 12.35 -18.75 6.42
N ASN A 140 12.78 -19.90 5.91
CA ASN A 140 14.06 -20.49 6.28
C ASN A 140 15.25 -19.63 5.88
N GLU A 141 15.09 -18.74 4.92
CA GLU A 141 16.23 -17.93 4.50
C GLU A 141 16.56 -16.80 5.45
N PHE A 142 15.91 -16.71 6.60
CA PHE A 142 16.08 -15.55 7.47
C PHE A 142 16.33 -16.01 8.89
N GLU A 143 17.17 -15.25 9.59
CA GLU A 143 17.38 -15.42 11.02
C GLU A 143 16.62 -14.32 11.76
N TYR A 144 15.81 -14.74 12.72
N TYR A 144 15.89 -14.68 12.81
CA TYR A 144 15.11 -13.83 13.62
CA TYR A 144 14.99 -13.74 13.51
C TYR A 144 16.13 -13.15 14.52
C TYR A 144 15.65 -13.17 14.77
N LEU A 145 15.96 -11.87 14.73
CA LEU A 145 16.83 -11.21 15.71
C LEU A 145 16.10 -10.48 16.82
N LYS A 146 15.02 -9.77 16.51
CA LYS A 146 14.37 -8.90 17.50
C LYS A 146 12.93 -8.69 17.09
N LEU A 147 12.02 -8.78 18.05
CA LEU A 147 10.66 -8.32 17.83
C LEU A 147 10.64 -6.80 17.76
N LEU A 148 10.15 -6.25 16.66
CA LEU A 148 10.01 -4.80 16.53
C LEU A 148 8.66 -4.27 16.96
N GLY A 149 7.63 -5.11 16.92
CA GLY A 149 6.28 -4.68 17.25
C GLY A 149 5.31 -5.82 16.99
N LYS A 150 4.17 -5.74 17.67
CA LYS A 150 3.02 -6.60 17.42
C LYS A 150 1.79 -5.76 17.11
N GLY A 151 0.87 -6.36 16.34
CA GLY A 151 -0.42 -5.77 16.07
C GLY A 151 -1.49 -6.84 16.15
N THR A 152 -2.72 -6.45 15.84
CA THR A 152 -3.82 -7.40 15.96
C THR A 152 -3.62 -8.59 15.01
N PHE A 153 -3.19 -8.33 13.79
CA PHE A 153 -3.14 -9.40 12.79
C PHE A 153 -1.73 -9.73 12.33
N GLY A 154 -0.70 -9.36 13.09
CA GLY A 154 0.64 -9.66 12.65
C GLY A 154 1.69 -9.18 13.63
N LYS A 155 2.94 -9.32 13.21
CA LYS A 155 4.08 -8.87 13.99
C LYS A 155 5.16 -8.40 13.02
N VAL A 156 6.10 -7.61 13.54
CA VAL A 156 7.18 -7.09 12.73
C VAL A 156 8.47 -7.45 13.44
N ILE A 157 9.41 -8.06 12.71
CA ILE A 157 10.64 -8.52 13.35
C ILE A 157 11.86 -8.10 12.55
N LEU A 158 12.93 -7.82 13.25
CA LEU A 158 14.22 -7.59 12.61
C LEU A 158 14.82 -8.94 12.22
N VAL A 159 15.18 -9.09 10.95
CA VAL A 159 15.74 -10.35 10.48
C VAL A 159 17.07 -10.08 9.80
N LYS A 160 17.90 -11.11 9.77
CA LYS A 160 19.14 -11.11 9.00
C LYS A 160 18.95 -12.08 7.85
N GLU A 161 19.16 -11.62 6.62
CA GLU A 161 19.03 -12.52 5.49
C GLU A 161 20.23 -13.49 5.48
N LYS A 162 19.98 -14.80 5.65
CA LYS A 162 21.09 -15.74 5.84
C LYS A 162 22.12 -15.68 4.72
N ALA A 163 21.66 -15.63 3.47
CA ALA A 163 22.60 -15.75 2.35
C ALA A 163 23.46 -14.51 2.20
N THR A 164 22.98 -13.34 2.61
CA THR A 164 23.74 -12.13 2.34
C THR A 164 24.28 -11.44 3.58
N GLY A 165 23.81 -11.80 4.77
CA GLY A 165 24.16 -11.02 5.96
C GLY A 165 23.44 -9.70 6.13
N ARG A 166 22.52 -9.34 5.23
CA ARG A 166 21.86 -8.03 5.29
C ARG A 166 20.67 -8.05 6.25
N TYR A 167 20.37 -6.88 6.83
CA TYR A 167 19.30 -6.77 7.81
C TYR A 167 18.06 -6.20 7.14
N TYR A 168 16.91 -6.79 7.49
CA TYR A 168 15.62 -6.34 6.98
C TYR A 168 14.62 -6.32 8.12
N ALA A 169 13.56 -5.55 7.96
CA ALA A 169 12.38 -5.75 8.82
C ALA A 169 11.43 -6.67 8.06
N MET A 170 10.92 -7.70 8.74
CA MET A 170 9.92 -8.57 8.13
C MET A 170 8.58 -8.37 8.82
N LYS A 171 7.56 -8.00 8.06
CA LYS A 171 6.20 -7.90 8.54
C LYS A 171 5.49 -9.21 8.25
N ILE A 172 4.99 -9.89 9.30
CA ILE A 172 4.35 -11.21 9.14
C ILE A 172 2.87 -11.10 9.51
N LEU A 173 1.99 -11.25 8.52
CA LEU A 173 0.56 -11.06 8.70
C LEU A 173 -0.17 -12.40 8.61
N LYS A 174 -1.25 -12.53 9.36
CA LYS A 174 -2.09 -13.71 9.24
C LYS A 174 -2.73 -13.70 7.87
N LYS A 175 -2.45 -14.73 7.06
CA LYS A 175 -2.89 -14.68 5.67
C LYS A 175 -4.41 -14.65 5.56
N GLU A 176 -5.09 -15.31 6.48
CA GLU A 176 -6.54 -15.46 6.35
C GLU A 176 -7.26 -14.11 6.46
N VAL A 177 -6.68 -13.11 7.14
CA VAL A 177 -7.39 -11.84 7.29
C VAL A 177 -7.24 -10.93 6.08
N ILE A 178 -6.44 -11.32 5.09
CA ILE A 178 -6.31 -10.53 3.86
C ILE A 178 -7.08 -11.21 2.75
N VAL A 179 -6.69 -12.43 2.40
CA VAL A 179 -7.44 -13.27 1.48
C VAL A 179 -8.69 -13.80 2.17
N ARG A 192 3.65 -7.42 -5.33
CA ARG A 192 3.71 -6.07 -4.77
C ARG A 192 5.07 -5.38 -4.91
N VAL A 193 6.15 -6.17 -4.87
CA VAL A 193 7.48 -5.57 -4.94
C VAL A 193 7.68 -4.74 -6.19
N LEU A 194 6.92 -5.02 -7.26
CA LEU A 194 6.99 -4.22 -8.48
C LEU A 194 6.29 -2.87 -8.32
N GLN A 195 5.43 -2.72 -7.31
CA GLN A 195 4.68 -1.49 -7.10
C GLN A 195 5.44 -0.48 -6.24
N ASN A 196 6.69 -0.79 -5.88
CA ASN A 196 7.48 0.03 -4.97
C ASN A 196 7.51 1.49 -5.40
N SER A 197 7.43 2.39 -4.41
CA SER A 197 7.56 3.81 -4.71
C SER A 197 8.99 4.15 -5.10
N ARG A 198 9.12 5.03 -6.09
CA ARG A 198 10.42 5.51 -6.50
C ARG A 198 10.78 6.75 -5.66
N HIS A 199 10.84 6.58 -4.33
CA HIS A 199 11.29 7.70 -3.49
C HIS A 199 12.36 7.23 -2.51
N PRO A 200 13.49 7.93 -2.44
CA PRO A 200 14.62 7.45 -1.63
C PRO A 200 14.35 7.36 -0.12
N PHE A 201 13.47 8.19 0.43
CA PHE A 201 13.37 8.29 1.89
C PHE A 201 12.21 7.51 2.48
N LEU A 202 11.42 6.85 1.64
CA LEU A 202 10.40 5.89 2.08
C LEU A 202 11.01 4.48 2.20
N THR A 203 10.29 3.61 2.91
CA THR A 203 10.77 2.24 3.13
C THR A 203 10.39 1.38 1.93
N ALA A 204 11.40 0.84 1.24
CA ALA A 204 11.13 0.03 0.07
C ALA A 204 10.86 -1.40 0.49
N LEU A 205 9.96 -2.04 -0.22
CA LEU A 205 9.67 -3.44 -0.06
C LEU A 205 10.67 -4.24 -0.90
N LYS A 206 11.43 -5.13 -0.28
CA LYS A 206 12.44 -5.93 -0.99
C LYS A 206 11.91 -7.28 -1.49
N TYR A 207 11.30 -8.08 -0.62
CA TYR A 207 10.58 -9.29 -1.04
C TYR A 207 9.18 -9.33 -0.47
N SER A 208 8.30 -10.10 -1.10
CA SER A 208 7.00 -10.45 -0.55
C SER A 208 6.78 -11.94 -0.81
N PHE A 209 6.32 -12.70 0.18
CA PHE A 209 6.07 -14.12 -0.03
C PHE A 209 5.02 -14.61 0.95
N GLN A 210 4.46 -15.78 0.66
CA GLN A 210 3.45 -16.35 1.52
C GLN A 210 3.88 -17.74 1.97
N THR A 211 3.52 -18.08 3.19
CA THR A 211 3.62 -19.45 3.67
C THR A 211 2.23 -20.08 3.62
N HIS A 212 2.05 -21.20 4.31
CA HIS A 212 0.74 -21.85 4.34
C HIS A 212 -0.27 -20.99 5.11
N ASP A 213 0.17 -20.23 6.11
CA ASP A 213 -0.76 -19.43 6.88
C ASP A 213 -0.33 -17.98 7.10
N ARG A 214 0.76 -17.52 6.49
CA ARG A 214 1.23 -16.14 6.70
C ARG A 214 1.58 -15.49 5.37
N LEU A 215 1.42 -14.17 5.32
CA LEU A 215 1.92 -13.33 4.25
C LEU A 215 3.01 -12.46 4.85
N CYS A 216 4.21 -12.49 4.26
CA CYS A 216 5.30 -11.73 4.83
C CYS A 216 5.87 -10.72 3.85
N PHE A 217 6.13 -9.53 4.35
CA PHE A 217 6.77 -8.46 3.60
C PHE A 217 8.16 -8.20 4.17
N VAL A 218 9.17 -8.23 3.31
CA VAL A 218 10.55 -7.99 3.74
C VAL A 218 10.91 -6.60 3.25
N MET A 219 11.24 -5.72 4.20
N MET A 219 11.22 -5.70 4.18
CA MET A 219 11.40 -4.31 3.89
CA MET A 219 11.45 -4.33 3.79
C MET A 219 12.75 -3.81 4.37
C MET A 219 12.78 -3.84 4.32
N GLU A 220 13.26 -2.77 3.72
CA GLU A 220 14.59 -2.32 4.08
C GLU A 220 14.60 -1.87 5.53
N TYR A 221 15.78 -1.96 6.11
CA TYR A 221 16.01 -1.54 7.48
C TYR A 221 17.30 -0.75 7.46
N ALA A 222 17.21 0.55 7.75
CA ALA A 222 18.39 1.40 7.70
C ALA A 222 19.27 1.14 8.92
N ASN A 223 20.58 1.29 8.75
CA ASN A 223 21.44 1.00 9.89
C ASN A 223 22.20 2.23 10.39
N GLY A 224 21.70 3.42 10.12
CA GLY A 224 22.27 4.62 10.70
C GLY A 224 21.68 5.02 12.03
N GLY A 225 20.83 4.18 12.63
CA GLY A 225 20.30 4.47 13.95
C GLY A 225 18.91 5.11 13.88
N GLU A 226 18.28 5.13 15.04
CA GLU A 226 16.98 5.76 15.23
C GLU A 226 17.17 7.25 15.47
N LEU A 227 16.44 8.09 14.72
CA LEU A 227 16.55 9.53 14.95
C LEU A 227 16.10 9.89 16.36
N PHE A 228 15.12 9.17 16.90
N PHE A 228 15.17 9.14 16.92
CA PHE A 228 14.69 9.40 18.27
CA PHE A 228 15.00 9.16 18.36
C PHE A 228 15.87 9.38 19.22
C PHE A 228 16.21 8.49 19.00
N PHE A 229 16.79 8.40 19.02
N PHE A 229 16.67 9.05 20.12
CA PHE A 229 17.97 8.20 19.85
CA PHE A 229 17.93 8.65 20.74
C PHE A 229 19.03 9.25 19.58
C PHE A 229 19.08 9.45 20.12
N HIS A 230 19.24 9.61 18.31
N HIS A 230 19.13 9.55 18.79
CA HIS A 230 20.16 10.70 18.01
CA HIS A 230 20.03 10.53 18.18
C HIS A 230 19.71 12.00 18.66
C HIS A 230 19.68 11.93 18.68
N LEU A 231 18.42 12.32 18.52
CA LEU A 231 17.94 13.56 19.09
C LEU A 231 18.07 13.54 20.61
N SER A 232 17.77 12.40 21.24
CA SER A 232 17.87 12.31 22.70
C SER A 232 19.28 12.61 23.16
N ARG A 233 20.26 12.05 22.45
CA ARG A 233 21.66 12.21 22.83
C ARG A 233 22.13 13.64 22.56
N GLU A 234 21.72 14.22 21.44
CA GLU A 234 22.14 15.59 21.13
C GLU A 234 21.31 16.67 21.81
N ARG A 235 20.17 16.30 22.41
CA ARG A 235 19.29 17.22 23.14
C ARG A 235 18.40 18.04 22.23
N VAL A 236 19.00 18.73 21.25
CA VAL A 236 18.27 19.51 20.25
C VAL A 236 19.09 19.48 18.98
N PHE A 237 18.42 19.65 17.83
CA PHE A 237 19.07 19.85 16.55
C PHE A 237 19.06 21.36 16.25
N SER A 238 20.14 21.86 15.64
CA SER A 238 20.09 23.24 15.17
C SER A 238 18.97 23.40 14.15
N GLU A 239 18.56 24.65 13.95
CA GLU A 239 17.60 24.95 12.89
C GLU A 239 18.09 24.42 11.54
N ASP A 240 19.40 24.51 11.27
CA ASP A 240 19.87 24.03 9.98
C ASP A 240 19.81 22.50 9.88
N ARG A 241 20.11 21.80 10.99
CA ARG A 241 20.02 20.35 10.96
C ARG A 241 18.57 19.88 10.84
N ALA A 242 17.66 20.55 11.56
CA ALA A 242 16.25 20.21 11.42
C ALA A 242 15.72 20.56 10.04
N ARG A 243 16.25 21.63 9.43
CA ARG A 243 15.84 21.97 8.06
C ARG A 243 16.21 20.87 7.09
N PHE A 244 17.36 20.24 7.28
CA PHE A 244 17.74 19.15 6.40
C PHE A 244 16.78 17.97 6.56
N TYR A 245 16.56 17.52 7.80
CA TYR A 245 15.66 16.39 7.97
C TYR A 245 14.25 16.75 7.51
N GLY A 246 13.79 17.96 7.83
CA GLY A 246 12.43 18.34 7.45
C GLY A 246 12.25 18.38 5.94
N ALA A 247 13.25 18.88 5.22
CA ALA A 247 13.17 18.86 3.76
C ALA A 247 13.05 17.43 3.22
N GLU A 248 13.88 16.49 3.70
CA GLU A 248 13.76 15.12 3.21
C GLU A 248 12.37 14.56 3.49
N ILE A 249 11.82 14.83 4.68
CA ILE A 249 10.46 14.37 5.02
C ILE A 249 9.43 15.01 4.09
N VAL A 250 9.48 16.34 3.92
CA VAL A 250 8.54 17.00 3.02
C VAL A 250 8.60 16.36 1.64
N SER A 251 9.82 16.11 1.15
CA SER A 251 9.96 15.52 -0.19
C SER A 251 9.24 14.17 -0.26
N ALA A 252 9.37 13.37 0.79
CA ALA A 252 8.74 12.04 0.80
C ALA A 252 7.21 12.13 0.87
N LEU A 253 6.70 13.02 1.74
CA LEU A 253 5.24 13.18 1.88
C LEU A 253 4.65 13.79 0.61
N ASP A 254 5.37 14.70 -0.03
CA ASP A 254 4.91 15.23 -1.30
C ASP A 254 4.71 14.11 -2.31
N TYR A 255 5.68 13.19 -2.36
CA TYR A 255 5.58 12.04 -3.25
C TYR A 255 4.38 11.17 -2.92
N LEU A 256 4.21 10.83 -1.63
N LEU A 256 4.22 10.80 -1.64
CA LEU A 256 3.08 10.01 -1.23
CA LEU A 256 3.07 9.98 -1.26
C LEU A 256 1.78 10.67 -1.62
C LEU A 256 1.78 10.68 -1.63
N HIS A 257 1.66 11.96 -1.30
CA HIS A 257 0.42 12.70 -1.51
C HIS A 257 0.06 12.81 -2.98
N SER A 258 1.06 13.10 -3.82
CA SER A 258 0.78 13.51 -5.18
C SER A 258 1.01 12.39 -6.19
N GLU A 259 1.96 11.48 -5.94
CA GLU A 259 2.14 10.33 -6.83
C GLU A 259 1.31 9.12 -6.42
N LYS A 260 1.15 8.89 -5.12
CA LYS A 260 0.42 7.73 -4.63
C LYS A 260 -1.01 8.04 -4.19
N ASN A 261 -1.36 9.33 -4.03
CA ASN A 261 -2.65 9.75 -3.46
C ASN A 261 -2.92 9.06 -2.14
N VAL A 262 -1.93 9.07 -1.25
N VAL A 262 -1.93 9.12 -1.24
CA VAL A 262 -2.11 8.45 0.05
CA VAL A 262 -1.96 8.42 0.03
C VAL A 262 -1.58 9.38 1.11
C VAL A 262 -1.57 9.42 1.11
N VAL A 263 -2.20 9.35 2.27
CA VAL A 263 -1.70 10.07 3.45
C VAL A 263 -0.96 9.08 4.33
N TYR A 264 0.10 9.54 4.98
CA TYR A 264 0.87 8.62 5.84
C TYR A 264 0.21 8.44 7.20
N ARG A 265 -0.20 9.54 7.85
CA ARG A 265 -0.97 9.46 9.09
C ARG A 265 -0.15 9.04 10.29
N ASP A 266 1.09 8.54 10.10
CA ASP A 266 1.86 7.94 11.18
C ASP A 266 3.17 8.66 11.46
N LEU A 267 3.29 9.93 11.10
CA LEU A 267 4.59 10.60 11.23
C LEU A 267 4.84 10.88 12.69
N LYS A 268 5.90 10.28 13.23
CA LYS A 268 6.38 10.57 14.57
C LYS A 268 7.89 10.35 14.59
N LEU A 269 8.53 10.88 15.63
CA LEU A 269 9.99 10.83 15.63
C LEU A 269 10.48 9.39 15.62
N GLU A 270 9.81 8.51 16.35
N GLU A 270 9.84 8.50 16.36
CA GLU A 270 10.13 7.09 16.42
CA GLU A 270 10.30 7.12 16.38
C GLU A 270 10.10 6.42 15.06
C GLU A 270 10.12 6.41 15.04
N ASN A 271 9.43 7.00 14.07
CA ASN A 271 9.34 6.40 12.74
C ASN A 271 10.34 6.99 11.77
N LEU A 272 11.35 7.69 12.27
CA LEU A 272 12.41 8.23 11.45
C LEU A 272 13.73 7.56 11.81
N MET A 273 14.43 7.05 10.79
CA MET A 273 15.72 6.40 11.01
C MET A 273 16.69 7.08 10.07
N LEU A 274 17.99 6.89 10.27
CA LEU A 274 18.98 7.37 9.32
C LEU A 274 19.65 6.18 8.62
N ASP A 275 19.97 6.36 7.35
CA ASP A 275 20.77 5.37 6.69
C ASP A 275 22.25 5.64 7.00
N LYS A 276 23.11 4.80 6.45
CA LYS A 276 24.52 4.86 6.80
C LYS A 276 25.15 6.19 6.40
N ASP A 277 24.58 6.87 5.43
CA ASP A 277 25.08 8.15 4.99
C ASP A 277 24.51 9.32 5.78
N GLY A 278 23.50 9.11 6.62
CA GLY A 278 22.89 10.22 7.32
C GLY A 278 21.61 10.75 6.70
N HIS A 279 21.12 10.12 5.64
CA HIS A 279 19.83 10.53 5.07
C HIS A 279 18.69 9.83 5.82
N ILE A 280 17.49 10.44 5.74
CA ILE A 280 16.31 10.00 6.48
C ILE A 280 15.75 8.75 5.84
N LYS A 281 15.18 7.86 6.67
CA LYS A 281 14.29 6.83 6.18
C LYS A 281 13.03 6.91 7.03
N ILE A 282 11.87 7.05 6.39
CA ILE A 282 10.59 6.95 7.12
C ILE A 282 10.18 5.48 7.15
N THR A 283 9.86 4.94 8.33
CA THR A 283 9.69 3.50 8.42
C THR A 283 8.24 3.10 8.16
N ASP A 284 8.07 1.84 7.78
CA ASP A 284 6.77 1.27 7.46
C ASP A 284 6.57 0.02 8.29
N PHE A 285 6.80 0.15 9.59
CA PHE A 285 6.85 -0.99 10.49
C PHE A 285 5.60 -1.08 11.34
N GLY A 286 4.59 -0.26 11.05
CA GLY A 286 3.43 -0.18 11.91
C GLY A 286 2.45 -1.29 11.61
N LEU A 287 1.69 -1.68 12.63
CA LEU A 287 0.55 -2.55 12.44
C LEU A 287 -0.59 -1.98 13.30
N CYS A 288 -1.82 -2.13 12.83
CA CYS A 288 -2.96 -1.70 13.65
C CYS A 288 -3.08 -2.58 14.88
N LYS A 289 -3.36 -1.95 16.02
CA LYS A 289 -3.52 -2.65 17.29
C LYS A 289 -4.97 -2.73 17.73
N GLU A 290 -5.90 -2.22 16.93
CA GLU A 290 -7.32 -2.19 17.32
C GLU A 290 -7.80 -3.62 17.49
N GLY A 291 -7.95 -4.09 18.73
CA GLY A 291 -8.48 -5.43 18.94
C GLY A 291 -7.57 -6.45 19.60
N ILE A 292 -6.52 -5.98 20.28
CA ILE A 292 -5.55 -6.77 21.06
C ILE A 292 -4.20 -6.73 20.35
N THR A 300 -3.52 1.87 25.50
CA THR A 300 -2.62 1.72 24.36
C THR A 300 -3.37 1.81 23.04
N PHE A 301 -3.16 2.90 22.31
CA PHE A 301 -3.82 3.14 21.04
C PHE A 301 -2.92 2.68 19.88
N CYS A 302 -3.39 2.95 18.66
CA CYS A 302 -2.55 2.76 17.48
C CYS A 302 -1.56 3.92 17.33
N GLY A 303 -2.06 5.10 16.98
CA GLY A 303 -1.17 6.26 16.90
C GLY A 303 -0.58 6.59 18.27
N THR A 304 0.66 7.05 18.26
CA THR A 304 1.26 7.57 19.48
C THR A 304 0.56 8.89 19.81
N PRO A 305 -0.10 8.97 20.98
CA PRO A 305 -1.06 10.07 21.18
C PRO A 305 -0.46 11.45 21.01
N GLU A 306 0.77 11.65 21.44
CA GLU A 306 1.31 13.01 21.41
C GLU A 306 1.49 13.53 19.98
N TYR A 307 1.41 12.68 18.95
CA TYR A 307 1.58 13.13 17.57
C TYR A 307 0.25 13.27 16.81
N LEU A 308 -0.88 12.93 17.42
CA LEU A 308 -2.16 12.88 16.69
C LEU A 308 -2.69 14.28 16.39
N ALA A 309 -3.15 14.49 15.16
CA ALA A 309 -3.72 15.75 14.74
C ALA A 309 -5.13 15.93 15.35
N PRO A 310 -5.53 17.16 15.62
CA PRO A 310 -6.86 17.39 16.23
C PRO A 310 -7.98 16.71 15.49
N GLU A 311 -7.99 16.79 14.16
CA GLU A 311 -9.08 16.21 13.40
C GLU A 311 -9.06 14.68 13.42
N VAL A 312 -7.91 14.06 13.72
CA VAL A 312 -7.87 12.62 13.92
C VAL A 312 -8.47 12.28 15.28
N LEU A 313 -8.07 13.03 16.31
CA LEU A 313 -8.62 12.82 17.65
C LEU A 313 -10.15 12.86 17.63
N GLU A 314 -10.71 13.84 16.92
CA GLU A 314 -12.15 14.08 16.90
C GLU A 314 -12.87 13.26 15.84
N ASP A 315 -12.17 12.36 15.17
CA ASP A 315 -12.68 11.62 14.03
C ASP A 315 -13.46 12.56 13.11
N ASN A 316 -12.95 13.77 12.94
CA ASN A 316 -13.45 14.65 11.91
C ASN A 316 -12.89 14.22 10.57
N ASP A 317 -13.38 14.83 9.51
CA ASP A 317 -12.89 14.41 8.21
C ASP A 317 -11.47 14.95 8.01
N TYR A 318 -10.60 14.11 7.47
CA TYR A 318 -9.18 14.41 7.42
C TYR A 318 -8.66 14.11 6.02
N GLY A 319 -7.48 14.63 5.74
CA GLY A 319 -6.94 14.61 4.41
C GLY A 319 -5.44 14.76 4.49
N ARG A 320 -4.84 15.24 3.41
CA ARG A 320 -3.39 15.39 3.35
C ARG A 320 -2.84 16.22 4.50
N ALA A 321 -3.65 17.12 5.06
CA ALA A 321 -3.13 18.05 6.05
C ALA A 321 -2.75 17.36 7.35
N VAL A 322 -3.23 16.15 7.62
CA VAL A 322 -2.82 15.47 8.84
C VAL A 322 -1.30 15.21 8.82
N ASP A 323 -0.72 15.00 7.64
CA ASP A 323 0.73 14.75 7.63
C ASP A 323 1.50 16.02 7.96
N TRP A 324 0.96 17.19 7.58
CA TRP A 324 1.70 18.42 7.87
C TRP A 324 1.67 18.74 9.35
N TRP A 325 0.56 18.41 10.03
CA TRP A 325 0.58 18.50 11.49
C TRP A 325 1.68 17.63 12.06
N GLY A 326 1.75 16.37 11.62
CA GLY A 326 2.81 15.49 12.10
C GLY A 326 4.19 16.07 11.83
N LEU A 327 4.39 16.67 10.66
CA LEU A 327 5.65 17.34 10.39
C LEU A 327 5.91 18.44 11.41
N GLY A 328 4.87 19.24 11.72
CA GLY A 328 5.01 20.26 12.74
C GLY A 328 5.44 19.69 14.07
N VAL A 329 4.83 18.59 14.50
CA VAL A 329 5.18 18.08 15.81
C VAL A 329 6.62 17.58 15.81
N VAL A 330 7.05 16.93 14.73
CA VAL A 330 8.38 16.35 14.68
C VAL A 330 9.43 17.46 14.56
N MET A 331 9.18 18.49 13.74
CA MET A 331 10.19 19.55 13.72
C MET A 331 10.20 20.42 14.97
N TYR A 332 9.04 20.60 15.63
CA TYR A 332 9.06 21.22 16.95
C TYR A 332 9.96 20.45 17.90
N GLU A 333 9.82 19.11 17.90
CA GLU A 333 10.61 18.27 18.77
C GLU A 333 12.11 18.35 18.44
N MET A 334 12.48 18.35 17.15
CA MET A 334 13.88 18.48 16.81
C MET A 334 14.46 19.84 17.21
N MET A 335 13.73 20.92 16.98
CA MET A 335 14.35 22.21 17.23
C MET A 335 14.22 22.67 18.66
N CYS A 336 13.31 22.10 19.44
CA CYS A 336 13.08 22.58 20.80
C CYS A 336 13.49 21.56 21.85
N GLY A 337 13.70 20.31 21.46
CA GLY A 337 14.08 19.26 22.37
C GLY A 337 12.97 18.73 23.24
N ARG A 338 11.72 19.03 22.92
CA ARG A 338 10.60 18.53 23.72
C ARG A 338 9.37 18.61 22.84
N LEU A 339 8.28 17.95 23.26
CA LEU A 339 7.04 17.97 22.51
C LEU A 339 6.32 19.30 22.65
N PRO A 340 5.54 19.69 21.65
CA PRO A 340 4.70 20.89 21.83
C PRO A 340 3.53 20.66 22.77
N PHE A 341 3.04 19.42 22.89
CA PHE A 341 1.95 19.07 23.80
C PHE A 341 2.32 17.79 24.52
N TYR A 342 2.30 17.83 25.85
CA TYR A 342 2.53 16.60 26.58
C TYR A 342 1.84 16.62 27.93
N ASN A 343 1.40 15.45 28.35
CA ASN A 343 0.92 15.20 29.71
C ASN A 343 0.85 13.69 29.84
N GLN A 344 1.21 13.16 31.01
CA GLN A 344 1.14 11.70 31.17
C GLN A 344 -0.30 11.21 31.12
N ASP A 345 -1.26 12.05 31.47
CA ASP A 345 -2.67 11.69 31.35
C ASP A 345 -3.15 11.95 29.93
N HIS A 346 -3.55 10.89 29.20
CA HIS A 346 -3.82 11.10 27.78
C HIS A 346 -5.10 11.89 27.52
N GLU A 347 -6.07 11.90 28.45
CA GLU A 347 -7.20 12.80 28.24
C GLU A 347 -6.80 14.25 28.44
N LYS A 348 -5.86 14.55 29.34
CA LYS A 348 -5.40 15.93 29.38
C LYS A 348 -4.50 16.23 28.18
N LEU A 349 -3.78 15.23 27.68
CA LEU A 349 -3.01 15.46 26.47
C LEU A 349 -3.93 15.79 25.30
N PHE A 350 -4.99 14.98 25.13
CA PHE A 350 -5.92 15.25 24.03
C PHE A 350 -6.46 16.67 24.13
N GLU A 351 -6.75 17.16 25.35
CA GLU A 351 -7.30 18.51 25.46
C GLU A 351 -6.27 19.57 25.12
N LEU A 352 -5.01 19.36 25.53
CA LEU A 352 -3.95 20.25 25.06
C LEU A 352 -3.95 20.31 23.54
N ILE A 353 -3.95 19.14 22.89
CA ILE A 353 -3.85 19.13 21.44
C ILE A 353 -5.01 19.89 20.81
N LEU A 354 -6.21 19.64 21.31
CA LEU A 354 -7.38 20.27 20.73
C LEU A 354 -7.50 21.75 21.12
N MET A 355 -7.05 22.14 22.33
CA MET A 355 -7.44 23.45 22.84
C MET A 355 -6.31 24.45 23.06
N GLU A 356 -5.07 24.03 23.34
CA GLU A 356 -4.10 24.99 23.85
C GLU A 356 -3.19 25.53 22.75
N GLU A 357 -2.87 26.82 22.84
CA GLU A 357 -1.97 27.43 21.88
C GLU A 357 -0.54 27.03 22.17
N ILE A 358 0.27 27.00 21.13
CA ILE A 358 1.64 26.55 21.25
C ILE A 358 2.51 27.66 21.85
N ARG A 359 3.42 27.29 22.74
CA ARG A 359 4.47 28.21 23.18
C ARG A 359 5.81 27.71 22.68
N PHE A 360 6.72 28.64 22.45
CA PHE A 360 8.02 28.31 21.89
C PHE A 360 9.12 28.61 22.89
N PRO A 361 10.22 27.85 22.86
CA PRO A 361 11.40 28.27 23.62
C PRO A 361 11.80 29.68 23.21
N ARG A 362 12.29 30.45 24.19
CA ARG A 362 12.71 31.82 23.91
C ARG A 362 13.81 31.92 22.86
N THR A 363 14.56 30.85 22.61
CA THR A 363 15.70 30.93 21.68
C THR A 363 15.36 30.55 20.26
N LEU A 364 14.12 30.22 19.94
CA LEU A 364 13.79 29.83 18.58
C LEU A 364 13.60 31.08 17.72
N GLY A 365 14.07 31.01 16.45
CA GLY A 365 13.97 32.14 15.55
C GLY A 365 12.60 32.25 14.90
N PRO A 366 12.34 33.42 14.29
CA PRO A 366 11.00 33.67 13.73
C PRO A 366 10.67 32.86 12.49
N GLU A 367 11.63 32.52 11.63
CA GLU A 367 11.29 31.66 10.50
C GLU A 367 10.85 30.30 11.01
N ALA A 368 11.57 29.74 12.00
CA ALA A 368 11.13 28.46 12.56
C ALA A 368 9.79 28.60 13.25
N LYS A 369 9.60 29.66 14.04
CA LYS A 369 8.31 29.86 14.68
C LYS A 369 7.20 30.00 13.66
N SER A 370 7.45 30.71 12.56
CA SER A 370 6.41 30.84 11.55
C SER A 370 6.07 29.49 10.94
N LEU A 371 7.07 28.70 10.61
CA LEU A 371 6.80 27.39 10.03
C LEU A 371 6.00 26.52 10.99
N LEU A 372 6.44 26.47 12.25
CA LEU A 372 5.79 25.58 13.22
C LEU A 372 4.36 26.03 13.57
N SER A 373 4.14 27.33 13.76
N SER A 373 4.15 27.34 13.76
CA SER A 373 2.78 27.78 14.01
CA SER A 373 2.79 27.83 13.99
C SER A 373 1.88 27.53 12.81
C SER A 373 1.90 27.45 12.81
N GLY A 374 2.42 27.59 11.60
CA GLY A 374 1.64 27.27 10.42
C GLY A 374 1.30 25.79 10.33
N LEU A 375 2.27 24.92 10.65
CA LEU A 375 2.05 23.49 10.55
C LEU A 375 1.10 23.00 11.64
N LEU A 376 1.10 23.66 12.79
CA LEU A 376 0.33 23.24 13.95
C LEU A 376 -0.94 24.07 14.14
N LYS A 377 -1.47 24.61 13.06
CA LYS A 377 -2.82 25.19 13.11
C LYS A 377 -3.82 24.11 13.43
N LYS A 378 -4.72 24.37 14.38
CA LYS A 378 -5.60 23.28 14.78
C LYS A 378 -6.64 22.96 13.71
N ASP A 379 -7.07 23.97 12.95
CA ASP A 379 -7.99 23.80 11.84
C ASP A 379 -7.24 23.36 10.60
N PRO A 380 -7.45 22.13 10.11
CA PRO A 380 -6.70 21.70 8.91
C PRO A 380 -6.85 22.66 7.75
N LYS A 381 -7.99 23.34 7.63
CA LYS A 381 -8.21 24.26 6.51
C LYS A 381 -7.33 25.49 6.58
N GLN A 382 -6.87 25.87 7.78
CA GLN A 382 -5.94 26.98 7.88
C GLN A 382 -4.47 26.52 7.99
N ARG A 383 -4.20 25.22 8.01
CA ARG A 383 -2.86 24.75 8.28
C ARG A 383 -1.98 24.90 7.04
N LEU A 384 -0.74 25.30 7.25
CA LEU A 384 0.24 25.28 6.16
C LEU A 384 0.27 23.89 5.52
N GLY A 385 0.24 23.86 4.18
CA GLY A 385 0.11 22.63 3.41
C GLY A 385 -1.31 22.12 3.24
N GLY A 386 -2.30 22.73 3.91
CA GLY A 386 -3.69 22.28 3.87
C GLY A 386 -4.48 22.72 2.66
N GLY A 387 -3.93 23.59 1.83
CA GLY A 387 -4.64 24.05 0.65
C GLY A 387 -4.40 23.15 -0.55
N SER A 388 -4.93 23.57 -1.69
CA SER A 388 -4.84 22.73 -2.89
C SER A 388 -3.40 22.49 -3.30
N GLU A 389 -2.49 23.41 -2.95
CA GLU A 389 -1.08 23.30 -3.34
C GLU A 389 -0.29 22.30 -2.50
N ASP A 390 -0.80 21.89 -1.35
CA ASP A 390 -0.23 20.81 -0.51
C ASP A 390 1.24 21.13 -0.22
N ALA A 391 2.16 20.20 -0.52
CA ALA A 391 3.55 20.37 -0.10
C ALA A 391 4.18 21.63 -0.67
N LYS A 392 3.72 22.10 -1.84
CA LYS A 392 4.31 23.31 -2.41
C LYS A 392 4.25 24.48 -1.44
N GLU A 393 3.15 24.57 -0.68
CA GLU A 393 3.04 25.63 0.32
C GLU A 393 4.21 25.59 1.29
N ILE A 394 4.57 24.39 1.73
CA ILE A 394 5.67 24.23 2.67
C ILE A 394 6.99 24.45 1.97
N MET A 395 7.16 23.90 0.75
CA MET A 395 8.45 24.08 0.07
C MET A 395 8.75 25.55 -0.18
N GLN A 396 7.72 26.38 -0.27
CA GLN A 396 7.88 27.80 -0.52
C GLN A 396 8.01 28.61 0.75
N HIS A 397 7.89 27.98 1.91
CA HIS A 397 7.98 28.73 3.14
C HIS A 397 9.40 29.21 3.33
N ARG A 398 9.52 30.40 3.92
CA ARG A 398 10.81 31.02 4.03
C ARG A 398 11.76 30.24 4.91
N PHE A 399 11.24 29.37 5.80
CA PHE A 399 12.16 28.50 6.52
C PHE A 399 12.97 27.60 5.59
N PHE A 400 12.44 27.27 4.42
CA PHE A 400 13.16 26.39 3.52
C PHE A 400 13.85 27.13 2.38
N ALA A 401 14.02 28.44 2.48
CA ALA A 401 14.59 29.20 1.36
C ALA A 401 15.98 28.69 1.03
N GLY A 402 16.26 28.52 -0.26
CA GLY A 402 17.56 28.08 -0.70
C GLY A 402 17.66 26.58 -0.88
N ILE A 403 16.72 25.81 -0.34
CA ILE A 403 16.68 24.37 -0.60
C ILE A 403 16.35 24.15 -2.07
N VAL A 404 17.18 23.37 -2.74
CA VAL A 404 16.90 22.93 -4.11
C VAL A 404 16.19 21.59 -4.01
N TRP A 405 14.87 21.58 -4.28
CA TRP A 405 14.10 20.38 -3.97
C TRP A 405 14.45 19.23 -4.89
N GLN A 406 14.90 19.52 -6.11
CA GLN A 406 15.41 18.47 -6.97
C GLN A 406 16.65 17.82 -6.37
N HIS A 407 17.49 18.60 -5.72
CA HIS A 407 18.65 18.00 -5.07
C HIS A 407 18.23 17.20 -3.84
N VAL A 408 17.19 17.63 -3.13
CA VAL A 408 16.72 16.86 -1.99
C VAL A 408 16.32 15.46 -2.47
N TYR A 409 15.50 15.41 -3.52
CA TYR A 409 14.99 14.14 -4.04
C TYR A 409 16.11 13.22 -4.53
N GLU A 410 17.22 13.77 -5.01
CA GLU A 410 18.32 12.97 -5.54
C GLU A 410 19.38 12.68 -4.50
N LYS A 411 19.11 12.97 -3.23
CA LYS A 411 20.07 12.74 -2.16
C LYS A 411 21.36 13.52 -2.39
N LYS A 412 21.26 14.69 -3.02
CA LYS A 412 22.39 15.57 -3.27
C LYS A 412 22.59 16.62 -2.18
N LEU A 413 21.74 16.67 -1.17
CA LEU A 413 22.05 17.52 -0.01
C LEU A 413 23.02 16.78 0.90
N SER A 414 24.01 17.48 1.39
CA SER A 414 24.97 16.68 2.13
C SER A 414 24.54 16.60 3.60
N PRO A 415 24.47 15.42 4.18
CA PRO A 415 23.87 15.28 5.52
C PRO A 415 24.70 16.00 6.56
N PRO A 416 24.06 16.65 7.54
CA PRO A 416 24.82 17.35 8.58
C PRO A 416 25.44 16.42 9.60
N PHE A 417 25.07 15.15 9.57
CA PHE A 417 25.55 14.20 10.55
C PHE A 417 25.69 12.87 9.84
N LYS A 418 26.89 12.27 9.91
CA LYS A 418 27.11 10.94 9.35
C LYS A 418 27.16 9.91 10.47
N PRO A 419 26.21 8.97 10.54
CA PRO A 419 26.22 8.00 11.62
C PRO A 419 27.46 7.14 11.55
N GLN A 420 27.76 6.46 12.66
CA GLN A 420 28.98 5.67 12.76
C GLN A 420 28.94 4.33 12.01
N VAL B 2 -17.77 -19.72 -15.82
CA VAL B 2 -16.80 -19.36 -16.85
C VAL B 2 -15.67 -20.38 -16.80
N GLN B 3 -14.80 -20.36 -17.82
CA GLN B 3 -13.79 -21.40 -17.92
C GLN B 3 -13.08 -21.47 -19.26
N LEU B 4 -11.81 -21.85 -19.23
CA LEU B 4 -11.02 -22.17 -20.40
C LEU B 4 -10.85 -23.69 -20.43
N GLN B 5 -10.96 -24.28 -21.62
CA GLN B 5 -10.83 -25.73 -21.74
C GLN B 5 -9.95 -26.05 -22.94
N GLU B 6 -8.84 -26.75 -22.68
CA GLU B 6 -7.94 -27.23 -23.73
C GLU B 6 -8.33 -28.60 -24.27
N SER B 7 -8.05 -28.81 -25.56
CA SER B 7 -8.20 -30.11 -26.18
C SER B 7 -7.20 -30.23 -27.34
N GLY B 8 -7.20 -31.39 -27.97
CA GLY B 8 -6.39 -31.63 -29.13
C GLY B 8 -5.04 -32.29 -28.87
N GLY B 9 -4.80 -32.78 -27.65
CA GLY B 9 -3.55 -33.44 -27.34
C GLY B 9 -3.60 -34.93 -27.61
N GLY B 10 -2.43 -35.55 -27.54
CA GLY B 10 -2.37 -36.99 -27.72
C GLY B 10 -0.95 -37.46 -27.89
N LEU B 11 -0.83 -38.69 -28.37
CA LEU B 11 0.47 -39.27 -28.70
C LEU B 11 0.78 -39.02 -30.17
N VAL B 12 2.06 -38.81 -30.46
CA VAL B 12 2.49 -38.36 -31.78
C VAL B 12 3.99 -38.59 -31.87
N GLN B 13 4.46 -38.90 -33.07
CA GLN B 13 5.86 -39.22 -33.30
C GLN B 13 6.66 -37.96 -33.62
N ALA B 14 7.91 -37.96 -33.16
CA ALA B 14 8.75 -36.77 -33.28
C ALA B 14 8.81 -36.30 -34.73
N GLY B 15 8.96 -34.99 -34.90
CA GLY B 15 8.84 -34.38 -36.22
C GLY B 15 7.44 -34.32 -36.76
N GLY B 16 6.45 -34.81 -36.02
CA GLY B 16 5.07 -34.69 -36.41
C GLY B 16 4.48 -33.35 -36.01
N SER B 17 3.16 -33.24 -36.15
CA SER B 17 2.47 -32.00 -35.88
C SER B 17 1.20 -32.26 -35.07
N LEU B 18 0.71 -31.21 -34.41
CA LEU B 18 -0.52 -31.22 -33.65
C LEU B 18 -1.03 -29.79 -33.48
N ARG B 19 -2.34 -29.62 -33.54
CA ARG B 19 -2.96 -28.33 -33.29
C ARG B 19 -3.78 -28.41 -32.01
N LEU B 20 -3.43 -27.59 -31.03
CA LEU B 20 -4.16 -27.50 -29.77
C LEU B 20 -5.16 -26.37 -29.85
N SER B 21 -6.32 -26.56 -29.22
CA SER B 21 -7.32 -25.51 -29.15
C SER B 21 -7.76 -25.31 -27.71
N CYS B 22 -8.25 -24.12 -27.44
CA CYS B 22 -8.65 -23.67 -26.12
C CYS B 22 -10.02 -23.00 -26.27
N ALA B 23 -11.08 -23.71 -25.89
CA ALA B 23 -12.45 -23.22 -26.01
C ALA B 23 -12.78 -22.36 -24.79
N ALA B 24 -12.98 -21.06 -25.01
CA ALA B 24 -13.27 -20.12 -23.93
C ALA B 24 -14.78 -19.98 -23.77
N SER B 25 -15.32 -20.51 -22.67
CA SER B 25 -16.76 -20.52 -22.40
C SER B 25 -17.06 -19.63 -21.21
N GLY B 26 -17.59 -18.43 -21.49
CA GLY B 26 -17.85 -17.44 -20.46
C GLY B 26 -16.84 -16.32 -20.40
N ILE B 27 -15.77 -16.41 -21.20
CA ILE B 27 -14.81 -15.34 -21.36
C ILE B 27 -14.81 -14.94 -22.83
N ASP B 28 -14.11 -13.84 -23.12
CA ASP B 28 -14.03 -13.33 -24.49
C ASP B 28 -12.58 -13.19 -24.87
N VAL B 29 -12.10 -14.10 -25.73
CA VAL B 29 -10.69 -14.09 -26.08
C VAL B 29 -10.31 -12.87 -26.89
N ARG B 30 -11.28 -12.12 -27.45
CA ARG B 30 -10.95 -10.92 -28.20
C ARG B 30 -10.36 -9.84 -27.29
N ILE B 31 -10.86 -9.76 -26.05
CA ILE B 31 -10.54 -8.66 -25.16
C ILE B 31 -9.27 -8.89 -24.33
N LYS B 32 -8.58 -10.02 -24.52
CA LYS B 32 -7.52 -10.40 -23.60
C LYS B 32 -6.31 -10.95 -24.33
N THR B 33 -5.12 -10.56 -23.88
CA THR B 33 -3.91 -11.31 -24.21
C THR B 33 -4.11 -12.77 -23.82
N MET B 34 -3.95 -13.68 -24.79
CA MET B 34 -3.97 -15.13 -24.58
C MET B 34 -2.58 -15.73 -24.74
N ALA B 35 -2.25 -16.71 -23.90
CA ALA B 35 -0.96 -17.38 -23.98
C ALA B 35 -1.11 -18.88 -23.79
N TRP B 36 -0.13 -19.62 -24.32
CA TRP B 36 -0.04 -21.05 -24.12
C TRP B 36 1.13 -21.35 -23.21
N TYR B 37 0.97 -22.42 -22.44
CA TYR B 37 1.94 -22.85 -21.43
C TYR B 37 2.09 -24.35 -21.51
N ARG B 38 3.19 -24.86 -20.96
CA ARG B 38 3.32 -26.31 -20.83
C ARG B 38 4.08 -26.60 -19.55
N GLN B 39 3.84 -27.80 -19.00
CA GLN B 39 4.55 -28.21 -17.80
C GLN B 39 4.81 -29.71 -17.87
N ALA B 40 6.05 -30.07 -17.72
CA ALA B 40 6.61 -31.42 -17.70
C ALA B 40 6.66 -31.95 -16.28
N PRO B 41 6.60 -33.28 -16.14
CA PRO B 41 6.53 -33.89 -14.80
C PRO B 41 7.42 -33.25 -13.75
N GLY B 42 8.70 -33.07 -14.01
CA GLY B 42 9.54 -32.55 -12.94
C GLY B 42 9.68 -31.04 -12.89
N LYS B 43 9.34 -30.34 -13.97
CA LYS B 43 9.74 -28.96 -14.13
C LYS B 43 8.60 -28.00 -13.74
N GLN B 44 8.93 -26.72 -13.78
CA GLN B 44 7.97 -25.65 -13.59
C GLN B 44 7.21 -25.37 -14.89
N ARG B 45 6.12 -24.61 -14.79
CA ARG B 45 5.32 -24.26 -15.95
C ARG B 45 6.02 -23.18 -16.78
N GLU B 46 5.98 -23.33 -18.10
CA GLU B 46 6.71 -22.48 -19.03
C GLU B 46 5.75 -21.73 -19.94
N LEU B 47 5.91 -20.40 -20.00
CA LEU B 47 5.30 -19.62 -21.07
C LEU B 47 5.87 -20.06 -22.42
N LEU B 48 4.97 -20.33 -23.37
CA LEU B 48 5.33 -20.77 -24.71
C LEU B 48 5.15 -19.68 -25.77
N ALA B 49 3.95 -19.10 -25.80
CA ALA B 49 3.52 -18.18 -26.84
C ALA B 49 2.41 -17.30 -26.28
N SER B 50 2.30 -16.09 -26.83
CA SER B 50 1.20 -15.18 -26.50
C SER B 50 0.78 -14.40 -27.74
N VAL B 51 -0.51 -14.11 -27.82
CA VAL B 51 -1.08 -13.26 -28.88
C VAL B 51 -1.78 -12.08 -28.22
N LEU B 52 -1.38 -10.86 -28.60
CA LEU B 52 -2.00 -9.63 -28.13
C LEU B 52 -3.36 -9.42 -28.79
N VAL B 53 -4.21 -8.62 -28.15
CA VAL B 53 -5.50 -8.32 -28.77
C VAL B 53 -5.29 -7.73 -30.16
N SER B 54 -4.20 -7.01 -30.37
CA SER B 54 -3.85 -6.50 -31.69
C SER B 54 -3.55 -7.60 -32.69
N GLY B 55 -3.36 -8.84 -32.25
CA GLY B 55 -2.92 -9.92 -33.11
C GLY B 55 -1.42 -10.17 -33.10
N SER B 56 -0.64 -9.24 -32.54
CA SER B 56 0.81 -9.42 -32.44
C SER B 56 1.15 -10.68 -31.65
N THR B 57 2.03 -11.52 -32.20
CA THR B 57 2.48 -12.72 -31.50
C THR B 57 3.91 -12.58 -31.01
N ASN B 58 4.22 -13.29 -29.93
CA ASN B 58 5.59 -13.50 -29.52
C ASN B 58 5.75 -14.97 -29.18
N TYR B 59 7.00 -15.43 -29.05
CA TYR B 59 7.29 -16.83 -28.77
C TYR B 59 8.54 -16.93 -27.92
N ALA B 60 8.62 -17.98 -27.12
CA ALA B 60 9.86 -18.26 -26.40
C ALA B 60 10.78 -19.09 -27.29
N ASP B 61 12.09 -19.00 -27.02
CA ASP B 61 13.09 -19.54 -27.93
C ASP B 61 12.86 -21.00 -28.29
N PRO B 62 12.70 -21.92 -27.33
CA PRO B 62 12.63 -23.35 -27.66
C PRO B 62 11.61 -23.72 -28.74
N VAL B 63 10.65 -22.84 -28.98
CA VAL B 63 9.55 -23.13 -29.90
C VAL B 63 9.49 -22.18 -31.09
N LYS B 64 10.21 -21.07 -31.06
CA LYS B 64 10.18 -20.10 -32.15
C LYS B 64 10.51 -20.78 -33.47
N GLY B 65 9.62 -20.59 -34.45
CA GLY B 65 9.76 -21.23 -35.74
C GLY B 65 8.85 -22.43 -35.90
N ARG B 66 8.70 -23.21 -34.85
CA ARG B 66 8.02 -24.50 -34.95
C ARG B 66 6.54 -24.45 -34.55
N PHE B 67 6.16 -23.59 -33.60
CA PHE B 67 4.77 -23.45 -33.17
C PHE B 67 4.22 -22.11 -33.64
N THR B 68 2.91 -22.05 -33.83
CA THR B 68 2.26 -20.78 -34.14
C THR B 68 0.96 -20.66 -33.35
N ILE B 69 0.84 -19.58 -32.59
CA ILE B 69 -0.36 -19.31 -31.81
C ILE B 69 -1.24 -18.36 -32.61
N SER B 70 -2.53 -18.63 -32.63
CA SER B 70 -3.47 -17.80 -33.36
C SER B 70 -4.78 -17.70 -32.61
N ARG B 71 -5.47 -16.57 -32.77
CA ARG B 71 -6.76 -16.30 -32.15
C ARG B 71 -7.84 -16.24 -33.21
N ASP B 72 -8.90 -17.02 -33.02
CA ASP B 72 -10.08 -16.97 -33.88
C ASP B 72 -11.18 -16.23 -33.13
N ASN B 73 -11.26 -14.91 -33.36
CA ASN B 73 -12.26 -14.11 -32.66
C ASN B 73 -13.65 -14.72 -32.80
N ALA B 74 -13.96 -15.27 -33.97
CA ALA B 74 -15.30 -15.77 -34.22
C ALA B 74 -15.65 -16.92 -33.28
N LYS B 75 -14.83 -17.98 -33.27
CA LYS B 75 -15.10 -19.15 -32.45
C LYS B 75 -14.70 -18.97 -30.98
N ASN B 76 -14.22 -17.79 -30.60
CA ASN B 76 -13.81 -17.51 -29.22
C ASN B 76 -12.85 -18.58 -28.73
N THR B 77 -11.77 -18.77 -29.50
CA THR B 77 -10.83 -19.84 -29.23
C THR B 77 -9.45 -19.42 -29.68
N VAL B 78 -8.45 -19.89 -28.95
CA VAL B 78 -7.08 -19.72 -29.34
C VAL B 78 -6.56 -21.08 -29.75
N TYR B 79 -5.52 -21.07 -30.57
CA TYR B 79 -4.94 -22.29 -31.11
C TYR B 79 -3.44 -22.27 -30.94
N LEU B 80 -2.86 -23.46 -30.81
CA LEU B 80 -1.42 -23.62 -30.89
C LEU B 80 -1.16 -24.68 -31.95
N GLN B 81 -0.65 -24.27 -33.10
CA GLN B 81 -0.20 -25.22 -34.10
C GLN B 81 1.21 -25.65 -33.75
N MET B 82 1.41 -26.94 -33.56
CA MET B 82 2.68 -27.49 -33.11
C MET B 82 3.29 -28.32 -34.23
N ASN B 83 4.48 -27.91 -34.68
CA ASN B 83 5.06 -28.46 -35.89
C ASN B 83 6.47 -28.96 -35.58
N LYS B 84 6.84 -30.07 -36.20
CA LYS B 84 8.14 -30.72 -35.99
C LYS B 84 8.40 -30.88 -34.48
N LEU B 85 7.67 -31.84 -33.92
CA LEU B 85 7.69 -32.06 -32.47
C LEU B 85 8.91 -32.89 -32.09
N ILE B 86 9.64 -32.43 -31.08
CA ILE B 86 10.82 -33.10 -30.53
C ILE B 86 10.41 -33.77 -29.21
N PRO B 87 11.14 -34.80 -28.74
CA PRO B 87 10.78 -35.40 -27.44
C PRO B 87 10.61 -34.39 -26.32
N ASP B 88 11.54 -33.40 -26.19
CA ASP B 88 11.48 -32.42 -25.08
C ASP B 88 10.23 -31.53 -25.13
N ASP B 89 9.30 -31.80 -26.04
CA ASP B 89 8.02 -31.11 -26.08
C ASP B 89 6.97 -31.82 -25.24
N THR B 90 7.25 -33.04 -24.80
CA THR B 90 6.27 -33.82 -24.03
C THR B 90 5.93 -33.09 -22.73
N ALA B 91 4.64 -32.92 -22.47
CA ALA B 91 4.21 -32.07 -21.37
C ALA B 91 2.69 -31.97 -21.42
N VAL B 92 2.12 -31.35 -20.38
CA VAL B 92 0.71 -30.97 -20.38
C VAL B 92 0.63 -29.50 -20.74
N TYR B 93 -0.23 -29.17 -21.70
CA TYR B 93 -0.30 -27.83 -22.27
C TYR B 93 -1.53 -27.11 -21.75
N TYR B 94 -1.36 -25.81 -21.41
CA TYR B 94 -2.42 -24.96 -20.88
C TYR B 94 -2.48 -23.64 -21.63
N CYS B 95 -3.69 -23.12 -21.78
CA CYS B 95 -3.90 -21.77 -22.26
C CYS B 95 -4.47 -20.89 -21.14
N ASN B 96 -4.19 -19.59 -21.20
CA ASN B 96 -4.62 -18.74 -20.09
C ASN B 96 -4.63 -17.26 -20.47
N THR B 97 -5.40 -16.50 -19.68
CA THR B 97 -5.43 -15.05 -19.66
C THR B 97 -4.51 -14.54 -18.56
N TYR B 98 -4.15 -13.26 -18.67
CA TYR B 98 -3.34 -12.63 -17.63
C TYR B 98 -3.99 -12.76 -16.26
N GLY B 99 -5.27 -12.40 -16.15
CA GLY B 99 -5.92 -12.38 -14.85
C GLY B 99 -5.94 -13.73 -14.18
N ARG B 100 -6.43 -14.75 -14.89
CA ARG B 100 -6.39 -16.10 -14.35
C ARG B 100 -4.96 -16.51 -14.02
N LEU B 101 -4.01 -16.08 -14.86
CA LEU B 101 -2.62 -16.44 -14.64
C LEU B 101 -2.12 -15.99 -13.27
N ARG B 102 -2.35 -14.71 -12.94
CA ARG B 102 -1.87 -14.20 -11.67
C ARG B 102 -2.67 -14.73 -10.47
N ARG B 103 -3.84 -15.34 -10.71
CA ARG B 103 -4.59 -15.98 -9.64
C ARG B 103 -4.39 -17.48 -9.60
N ASP B 104 -3.47 -18.02 -10.40
CA ASP B 104 -3.24 -19.46 -10.48
C ASP B 104 -4.54 -20.24 -10.68
N VAL B 105 -5.35 -19.79 -11.64
CA VAL B 105 -6.56 -20.49 -12.08
C VAL B 105 -6.26 -21.12 -13.44
N TRP B 106 -6.40 -22.45 -13.54
CA TRP B 106 -6.07 -23.16 -14.77
C TRP B 106 -7.19 -24.08 -15.21
N GLY B 107 -7.34 -24.21 -16.54
CA GLY B 107 -8.17 -25.22 -17.12
C GLY B 107 -7.56 -26.59 -16.91
N PRO B 108 -8.18 -27.62 -17.49
CA PRO B 108 -7.74 -28.99 -17.21
C PRO B 108 -6.44 -29.32 -17.90
N GLY B 109 -6.08 -28.59 -18.95
CA GLY B 109 -4.85 -28.86 -19.67
C GLY B 109 -5.01 -30.00 -20.66
N THR B 110 -4.06 -30.11 -21.57
CA THR B 110 -4.11 -31.20 -22.51
C THR B 110 -2.71 -31.78 -22.70
N GLN B 111 -2.63 -33.10 -22.58
CA GLN B 111 -1.36 -33.84 -22.54
C GLN B 111 -0.85 -34.10 -23.95
N VAL B 112 0.38 -33.69 -24.23
CA VAL B 112 1.04 -34.00 -25.48
C VAL B 112 2.25 -34.89 -25.18
N THR B 113 2.29 -36.07 -25.80
CA THR B 113 3.36 -37.05 -25.62
C THR B 113 4.02 -37.34 -26.97
N VAL B 114 5.31 -37.04 -27.07
CA VAL B 114 6.02 -37.27 -28.33
C VAL B 114 7.01 -38.44 -28.19
#